data_1IR6
#
_entry.id   1IR6
#
_cell.length_a   141.600
_cell.length_b   141.600
_cell.length_c   141.600
_cell.angle_alpha   90.00
_cell.angle_beta   90.00
_cell.angle_gamma   90.00
#
_symmetry.space_group_name_H-M   'P 21 3'
#
loop_
_entity.id
_entity.type
_entity.pdbx_description
1 polymer 'exonuclease RecJ'
2 non-polymer 'MANGANESE (II) ION'
#
_entity_poly.entity_id   1
_entity_poly.type   'polypeptide(L)'
_entity_poly.pdbx_seq_one_letter_code
;FRRKEDLDPPLALLPLKGLREAAALLEEALRQGKRIRVHGDYDADGLTGTAILVRGLAALGADVHPFIPHRLEEGYGVLM
ERVPEHLEASDLFLTVDCGITNHAELRELLENGVEVIVTDHHTPGKTPPPGLVVHPALTPDLKEKPTGAGVAFLLLWALH
ERLGLPPPLEYADLAAVGTIADVAPLWGWNRALVKEGLARIPASSWVGLRLLAEAVGYTGKAVEVAFRIAPRINAASRLG
EAEKALRLLLTDDAAEAQALVGELHRLNARRQTLEEAMLRKLLPQADPEAKAIVLLDPEGHPGVMGIVASRILEATLRPV
FLVAQGKGTVRSLAPISAVEALRSAEDLLLRYGGHKEAAGFAMDEALFPAFKARVEAYAARFPDPVREVALLDLLPEPGL
LPQVFRELALLEPYGEGNPEPLFL
;
_entity_poly.pdbx_strand_id   A
#
# COMPACT_ATOMS: atom_id res chain seq x y z
N PRO A 10 18.04 -20.12 -4.04
CA PRO A 10 16.96 -20.82 -4.78
C PRO A 10 15.63 -20.69 -4.03
N LEU A 11 14.57 -20.35 -4.75
CA LEU A 11 13.26 -20.18 -4.13
C LEU A 11 12.86 -21.35 -3.26
N ALA A 12 12.53 -21.05 -2.02
CA ALA A 12 12.10 -22.06 -1.06
C ALA A 12 11.00 -21.46 -0.20
N LEU A 13 10.05 -22.29 0.18
CA LEU A 13 8.94 -21.85 1.00
C LEU A 13 9.41 -21.34 2.38
N LEU A 14 9.91 -20.11 2.39
CA LEU A 14 10.39 -19.43 3.59
C LEU A 14 9.50 -19.65 4.83
N PRO A 15 10.09 -20.11 5.95
CA PRO A 15 9.41 -20.38 7.22
C PRO A 15 8.12 -19.61 7.46
N LEU A 16 8.21 -18.51 8.20
CA LEU A 16 7.04 -17.67 8.52
C LEU A 16 6.05 -18.31 9.46
N LYS A 17 6.03 -17.78 10.69
CA LYS A 17 5.16 -18.25 11.74
C LYS A 17 3.69 -17.88 11.47
N GLY A 18 2.93 -18.85 10.99
CA GLY A 18 1.52 -18.64 10.72
C GLY A 18 1.08 -19.40 9.47
N LEU A 19 2.00 -19.57 8.53
CA LEU A 19 1.67 -20.24 7.29
C LEU A 19 0.97 -21.57 7.43
N ARG A 20 1.48 -22.45 8.28
CA ARG A 20 0.86 -23.76 8.47
C ARG A 20 -0.63 -23.58 8.82
N GLU A 21 -0.89 -22.87 9.92
CA GLU A 21 -2.27 -22.63 10.35
C GLU A 21 -3.12 -21.99 9.27
N ALA A 22 -2.54 -21.03 8.56
CA ALA A 22 -3.25 -20.33 7.49
C ALA A 22 -3.65 -21.30 6.39
N ALA A 23 -2.68 -22.07 5.92
CA ALA A 23 -2.93 -23.03 4.86
C ALA A 23 -4.04 -23.98 5.30
N ALA A 24 -3.98 -24.37 6.56
CA ALA A 24 -5.00 -25.24 7.12
C ALA A 24 -6.34 -24.56 6.92
N LEU A 25 -6.51 -23.37 7.50
CA LEU A 25 -7.74 -22.62 7.38
C LEU A 25 -8.25 -22.43 5.97
N LEU A 26 -7.33 -22.25 5.02
CA LEU A 26 -7.75 -22.07 3.63
C LEU A 26 -8.31 -23.35 3.05
N GLU A 27 -7.59 -24.44 3.22
CA GLU A 27 -8.07 -25.73 2.71
C GLU A 27 -9.43 -26.06 3.28
N GLU A 28 -9.61 -25.71 4.55
CA GLU A 28 -10.87 -25.94 5.23
C GLU A 28 -11.95 -25.15 4.49
N ALA A 29 -11.66 -23.88 4.23
CA ALA A 29 -12.58 -23.00 3.51
C ALA A 29 -12.91 -23.56 2.13
N LEU A 30 -11.89 -24.08 1.45
CA LEU A 30 -12.04 -24.66 0.13
C LEU A 30 -13.07 -25.79 0.14
N ARG A 31 -12.83 -26.79 0.99
CA ARG A 31 -13.73 -27.93 1.09
C ARG A 31 -15.17 -27.57 1.46
N GLN A 32 -15.32 -26.71 2.47
CA GLN A 32 -16.64 -26.28 2.93
C GLN A 32 -17.33 -25.29 1.99
N GLY A 33 -16.63 -24.90 0.91
CA GLY A 33 -17.20 -23.96 -0.03
C GLY A 33 -17.50 -22.61 0.62
N LYS A 34 -16.60 -22.15 1.48
CA LYS A 34 -16.79 -20.88 2.16
C LYS A 34 -16.49 -19.69 1.27
N ARG A 35 -17.14 -18.57 1.59
CA ARG A 35 -16.96 -17.31 0.87
C ARG A 35 -15.71 -16.61 1.44
N ILE A 36 -14.69 -16.47 0.62
CA ILE A 36 -13.46 -15.83 1.05
C ILE A 36 -13.33 -14.42 0.48
N ARG A 37 -13.25 -13.43 1.35
CA ARG A 37 -13.07 -12.06 0.91
C ARG A 37 -11.61 -11.66 1.15
N VAL A 38 -10.90 -11.34 0.07
CA VAL A 38 -9.50 -10.94 0.18
C VAL A 38 -9.42 -9.41 0.20
N HIS A 39 -9.05 -8.87 1.36
CA HIS A 39 -8.95 -7.42 1.55
C HIS A 39 -7.51 -6.95 1.44
N GLY A 40 -7.18 -6.41 0.29
CA GLY A 40 -5.84 -5.93 0.06
C GLY A 40 -5.71 -4.42 0.12
N ASP A 41 -4.52 -3.93 -0.20
CA ASP A 41 -4.23 -2.51 -0.20
C ASP A 41 -4.33 -2.03 -1.64
N TYR A 42 -4.36 -0.73 -1.83
CA TYR A 42 -4.48 -0.19 -3.17
C TYR A 42 -3.18 0.23 -3.81
N ASP A 43 -2.05 -0.07 -3.18
CA ASP A 43 -0.75 0.24 -3.77
C ASP A 43 -0.35 -0.98 -4.61
N ALA A 44 0.74 -0.91 -5.35
CA ALA A 44 1.15 -2.05 -6.19
C ALA A 44 1.36 -3.35 -5.40
N ASP A 45 2.09 -3.28 -4.30
CA ASP A 45 2.32 -4.47 -3.48
C ASP A 45 0.97 -5.10 -3.13
N GLY A 46 0.10 -4.29 -2.53
CA GLY A 46 -1.22 -4.75 -2.13
C GLY A 46 -2.13 -5.26 -3.23
N LEU A 47 -2.13 -4.60 -4.38
CA LEU A 47 -2.97 -5.02 -5.49
C LEU A 47 -2.45 -6.32 -6.06
N THR A 48 -1.14 -6.34 -6.26
CA THR A 48 -0.44 -7.49 -6.82
C THR A 48 -0.60 -8.70 -5.92
N GLY A 49 -0.48 -8.48 -4.61
CA GLY A 49 -0.64 -9.56 -3.64
C GLY A 49 -2.04 -10.09 -3.69
N THR A 50 -3.00 -9.18 -3.66
CA THR A 50 -4.40 -9.55 -3.75
C THR A 50 -4.64 -10.42 -4.98
N ALA A 51 -4.04 -10.05 -6.11
CA ALA A 51 -4.22 -10.83 -7.34
C ALA A 51 -3.77 -12.27 -7.11
N ILE A 52 -2.57 -12.44 -6.55
CA ILE A 52 -2.04 -13.77 -6.29
C ILE A 52 -3.05 -14.66 -5.55
N LEU A 53 -3.47 -14.22 -4.36
CA LEU A 53 -4.42 -14.98 -3.58
C LEU A 53 -5.77 -15.16 -4.26
N VAL A 54 -6.27 -14.14 -4.93
CA VAL A 54 -7.55 -14.29 -5.58
C VAL A 54 -7.51 -15.29 -6.73
N ARG A 55 -6.47 -15.24 -7.56
CA ARG A 55 -6.39 -16.19 -8.66
C ARG A 55 -6.03 -17.57 -8.11
N GLY A 56 -4.96 -17.63 -7.34
CA GLY A 56 -4.53 -18.89 -6.75
C GLY A 56 -5.68 -19.65 -6.11
N LEU A 57 -6.36 -19.05 -5.15
CA LEU A 57 -7.46 -19.70 -4.48
C LEU A 57 -8.53 -20.12 -5.48
N ALA A 58 -8.99 -19.17 -6.28
CA ALA A 58 -10.03 -19.45 -7.27
C ALA A 58 -9.59 -20.62 -8.15
N ALA A 59 -8.30 -20.65 -8.48
CA ALA A 59 -7.75 -21.72 -9.31
C ALA A 59 -8.04 -23.07 -8.68
N LEU A 60 -7.99 -23.13 -7.36
CA LEU A 60 -8.27 -24.34 -6.60
C LEU A 60 -9.77 -24.37 -6.32
N GLY A 61 -10.55 -23.83 -7.24
CA GLY A 61 -12.00 -23.82 -7.09
C GLY A 61 -12.57 -23.17 -5.84
N ALA A 62 -11.90 -22.15 -5.31
CA ALA A 62 -12.41 -21.46 -4.12
C ALA A 62 -13.47 -20.45 -4.52
N ASP A 63 -14.19 -19.93 -3.53
CA ASP A 63 -15.23 -18.92 -3.75
C ASP A 63 -14.61 -17.59 -3.26
N VAL A 64 -13.78 -16.98 -4.11
CA VAL A 64 -13.10 -15.75 -3.76
C VAL A 64 -13.45 -14.50 -4.53
N HIS A 65 -13.54 -13.40 -3.79
CA HIS A 65 -13.82 -12.11 -4.40
C HIS A 65 -12.88 -11.12 -3.70
N PRO A 66 -12.31 -10.16 -4.45
CA PRO A 66 -11.41 -9.18 -3.82
C PRO A 66 -12.14 -7.95 -3.32
N PHE A 67 -11.51 -7.25 -2.39
CA PHE A 67 -12.06 -6.01 -1.88
C PHE A 67 -10.91 -5.04 -1.66
N ILE A 68 -10.95 -3.91 -2.37
CA ILE A 68 -9.93 -2.87 -2.26
C ILE A 68 -10.58 -1.60 -1.74
N PRO A 69 -9.93 -0.90 -0.79
CA PRO A 69 -10.51 0.34 -0.26
C PRO A 69 -10.30 1.49 -1.25
N HIS A 70 -11.11 2.53 -1.14
CA HIS A 70 -10.97 3.69 -2.02
C HIS A 70 -10.07 4.74 -1.38
N ARG A 71 -8.79 4.68 -1.75
CA ARG A 71 -7.76 5.58 -1.24
C ARG A 71 -8.19 7.00 -0.94
N LEU A 72 -8.95 7.59 -1.87
CA LEU A 72 -9.40 8.95 -1.72
C LEU A 72 -10.56 9.16 -0.74
N GLU A 73 -11.57 8.29 -0.76
CA GLU A 73 -12.70 8.45 0.18
C GLU A 73 -12.45 7.84 1.55
N GLU A 74 -12.04 6.58 1.58
CA GLU A 74 -11.73 5.89 2.82
C GLU A 74 -10.22 5.74 2.79
N GLY A 75 -9.59 5.67 3.95
CA GLY A 75 -8.14 5.57 3.96
C GLY A 75 -7.54 4.23 3.56
N TYR A 76 -6.51 3.86 4.31
CA TYR A 76 -5.77 2.63 4.12
C TYR A 76 -6.21 1.63 5.18
N GLY A 77 -6.10 0.35 4.86
CA GLY A 77 -6.47 -0.66 5.84
C GLY A 77 -7.96 -0.97 5.87
N VAL A 78 -8.37 -1.71 6.88
CA VAL A 78 -9.76 -2.11 7.07
C VAL A 78 -10.58 -0.98 7.68
N LEU A 79 -11.64 -0.59 6.98
CA LEU A 79 -12.49 0.51 7.45
C LEU A 79 -13.71 0.02 8.24
N MET A 80 -13.77 0.43 9.51
CA MET A 80 -14.84 0.05 10.43
C MET A 80 -16.25 0.27 9.88
N GLU A 81 -16.41 1.33 9.10
CA GLU A 81 -17.71 1.66 8.53
C GLU A 81 -18.21 0.60 7.54
N ARG A 82 -17.28 -0.14 6.94
CA ARG A 82 -17.66 -1.16 5.98
C ARG A 82 -17.62 -2.56 6.57
N VAL A 83 -17.35 -2.65 7.87
CA VAL A 83 -17.29 -3.94 8.54
C VAL A 83 -18.59 -4.71 8.36
N PRO A 84 -19.74 -4.06 8.61
CA PRO A 84 -21.05 -4.71 8.46
C PRO A 84 -21.16 -5.32 7.07
N GLU A 85 -20.59 -4.62 6.10
CA GLU A 85 -20.59 -5.07 4.72
C GLU A 85 -19.66 -6.25 4.53
N HIS A 86 -18.58 -6.28 5.31
CA HIS A 86 -17.63 -7.38 5.20
C HIS A 86 -18.27 -8.67 5.76
N LEU A 87 -19.10 -8.51 6.79
CA LEU A 87 -19.78 -9.64 7.43
C LEU A 87 -20.76 -10.34 6.49
N GLU A 88 -21.69 -9.56 5.94
CA GLU A 88 -22.71 -10.09 5.03
C GLU A 88 -22.10 -10.66 3.77
N ALA A 89 -20.80 -10.46 3.58
CA ALA A 89 -20.16 -10.92 2.36
C ALA A 89 -19.17 -12.06 2.50
N SER A 90 -18.83 -12.46 3.73
CA SER A 90 -17.86 -13.52 3.89
C SER A 90 -17.95 -14.45 5.10
N ASP A 91 -17.14 -15.51 5.03
CA ASP A 91 -17.04 -16.52 6.08
C ASP A 91 -15.60 -16.53 6.56
N LEU A 92 -14.69 -16.16 5.66
CA LEU A 92 -13.26 -16.07 5.95
C LEU A 92 -12.77 -14.76 5.37
N PHE A 93 -12.37 -13.85 6.25
CA PHE A 93 -11.88 -12.52 5.87
C PHE A 93 -10.36 -12.59 5.80
N LEU A 94 -9.80 -12.51 4.60
CA LEU A 94 -8.34 -12.58 4.41
C LEU A 94 -7.67 -11.25 3.99
N THR A 95 -6.86 -10.70 4.89
CA THR A 95 -6.12 -9.44 4.71
C THR A 95 -4.79 -9.58 3.95
N VAL A 96 -4.54 -8.74 2.95
CA VAL A 96 -3.30 -8.88 2.16
C VAL A 96 -2.08 -8.02 2.50
N ASP A 97 -2.22 -6.70 2.45
CA ASP A 97 -1.07 -5.87 2.75
C ASP A 97 -1.43 -4.89 3.86
N CYS A 98 -2.37 -5.31 4.70
CA CYS A 98 -2.87 -4.49 5.80
C CYS A 98 -3.27 -5.31 7.02
N GLY A 99 -4.02 -4.70 7.93
CA GLY A 99 -4.48 -5.43 9.10
C GLY A 99 -3.85 -5.30 10.47
N ILE A 100 -2.57 -5.61 10.62
CA ILE A 100 -1.89 -5.60 11.93
C ILE A 100 -2.19 -4.51 12.94
N THR A 101 -2.93 -3.48 12.54
CA THR A 101 -3.26 -2.44 13.48
C THR A 101 -4.75 -2.12 13.44
N ASN A 102 -5.52 -2.99 12.79
CA ASN A 102 -6.97 -2.84 12.67
C ASN A 102 -7.74 -3.63 13.73
N HIS A 103 -7.21 -3.63 14.95
CA HIS A 103 -7.79 -4.33 16.11
C HIS A 103 -9.31 -4.35 16.25
N ALA A 104 -10.00 -3.37 15.69
CA ALA A 104 -11.45 -3.32 15.77
C ALA A 104 -12.13 -4.26 14.75
N GLU A 105 -11.38 -5.22 14.21
CA GLU A 105 -11.90 -6.25 13.31
C GLU A 105 -12.07 -7.47 14.23
N LEU A 106 -12.08 -7.16 15.51
CA LEU A 106 -12.28 -8.11 16.58
C LEU A 106 -13.78 -8.34 16.43
N ARG A 107 -14.42 -7.39 15.76
CA ARG A 107 -15.86 -7.43 15.50
C ARG A 107 -16.08 -8.47 14.42
N GLU A 108 -15.04 -8.76 13.66
CA GLU A 108 -15.14 -9.78 12.63
C GLU A 108 -15.37 -11.12 13.30
N LEU A 109 -14.48 -11.42 14.24
CA LEU A 109 -14.54 -12.66 14.99
C LEU A 109 -15.76 -12.71 15.87
N LEU A 110 -16.13 -11.58 16.46
CA LEU A 110 -17.29 -11.53 17.33
C LEU A 110 -18.59 -11.47 16.52
N GLU A 111 -18.98 -10.24 16.15
CA GLU A 111 -20.21 -9.91 15.39
C GLU A 111 -20.87 -11.10 14.73
N ASN A 112 -20.03 -11.98 14.20
CA ASN A 112 -20.44 -13.22 13.57
C ASN A 112 -19.19 -14.07 13.66
N GLY A 113 -19.21 -15.25 13.07
CA GLY A 113 -18.04 -16.10 13.15
C GLY A 113 -17.23 -16.05 11.88
N VAL A 114 -16.69 -14.88 11.57
CA VAL A 114 -15.89 -14.77 10.36
C VAL A 114 -14.46 -15.00 10.76
N GLU A 115 -13.85 -16.05 10.20
CA GLU A 115 -12.46 -16.33 10.51
C GLU A 115 -11.61 -15.24 9.86
N VAL A 116 -10.59 -14.80 10.59
CA VAL A 116 -9.72 -13.74 10.13
C VAL A 116 -8.28 -14.16 9.97
N ILE A 117 -7.73 -13.93 8.79
CA ILE A 117 -6.33 -14.24 8.53
C ILE A 117 -5.67 -12.92 8.12
N VAL A 118 -4.78 -12.41 8.97
CA VAL A 118 -4.09 -11.18 8.69
C VAL A 118 -2.70 -11.39 8.13
N THR A 119 -2.54 -11.00 6.87
CA THR A 119 -1.28 -11.08 6.13
C THR A 119 -0.76 -9.64 6.08
N ASP A 120 0.52 -9.41 6.33
CA ASP A 120 1.05 -8.05 6.31
C ASP A 120 2.55 -8.06 6.52
N HIS A 121 3.16 -6.88 6.46
CA HIS A 121 4.59 -6.75 6.67
C HIS A 121 4.96 -5.37 7.19
N HIS A 122 3.95 -4.56 7.50
CA HIS A 122 4.19 -3.20 8.00
C HIS A 122 4.54 -3.27 9.49
N THR A 123 5.07 -2.17 10.05
CA THR A 123 5.44 -2.18 11.47
C THR A 123 4.24 -2.53 12.35
N PRO A 124 4.38 -3.60 13.15
CA PRO A 124 3.34 -4.07 14.07
C PRO A 124 3.20 -3.11 15.24
N GLY A 125 2.04 -3.12 15.89
CA GLY A 125 1.83 -2.26 17.03
C GLY A 125 2.27 -2.91 18.33
N LYS A 126 1.62 -2.53 19.42
CA LYS A 126 1.95 -3.09 20.73
C LYS A 126 1.64 -4.58 20.70
N THR A 127 0.35 -4.87 20.59
CA THR A 127 -0.16 -6.23 20.56
C THR A 127 -0.60 -6.57 19.14
N PRO A 128 -0.50 -7.86 18.76
CA PRO A 128 -0.91 -8.20 17.40
C PRO A 128 -2.41 -8.02 17.31
N PRO A 129 -2.96 -8.04 16.10
CA PRO A 129 -4.42 -7.87 16.00
C PRO A 129 -5.06 -9.24 16.19
N PRO A 130 -6.36 -9.28 16.44
CA PRO A 130 -7.03 -10.57 16.62
C PRO A 130 -6.91 -11.39 15.33
N GLY A 131 -7.21 -12.68 15.40
CA GLY A 131 -7.13 -13.53 14.24
C GLY A 131 -5.79 -14.23 14.09
N LEU A 132 -5.71 -15.09 13.08
CA LEU A 132 -4.50 -15.85 12.80
C LEU A 132 -3.59 -14.92 12.01
N VAL A 133 -2.44 -14.59 12.59
CA VAL A 133 -1.52 -13.66 11.96
C VAL A 133 -0.32 -14.24 11.22
N VAL A 134 -0.08 -13.74 10.02
CA VAL A 134 1.07 -14.15 9.23
C VAL A 134 1.87 -12.90 8.90
N HIS A 135 2.81 -12.57 9.77
CA HIS A 135 3.66 -11.38 9.64
C HIS A 135 5.11 -11.81 9.76
N PRO A 136 5.97 -11.40 8.82
CA PRO A 136 7.38 -11.81 8.90
C PRO A 136 8.11 -11.31 10.15
N ALA A 137 7.72 -10.15 10.66
CA ALA A 137 8.36 -9.56 11.84
C ALA A 137 7.97 -10.27 13.14
N LEU A 138 7.02 -11.19 13.06
CA LEU A 138 6.59 -11.93 14.24
C LEU A 138 7.10 -13.36 14.15
N THR A 139 8.05 -13.59 13.25
CA THR A 139 8.64 -14.89 13.08
C THR A 139 10.00 -14.83 13.76
N PRO A 140 10.10 -15.40 14.96
CA PRO A 140 11.27 -15.48 15.84
C PRO A 140 12.64 -15.03 15.30
N ASP A 141 13.38 -15.96 14.69
CA ASP A 141 14.72 -15.64 14.19
C ASP A 141 14.78 -15.47 12.67
N LEU A 142 13.94 -14.59 12.13
CA LEU A 142 13.93 -14.37 10.68
C LEU A 142 14.24 -12.93 10.32
N LYS A 143 15.07 -12.75 9.30
CA LYS A 143 15.43 -11.43 8.82
C LYS A 143 15.49 -11.45 7.30
N GLU A 144 14.42 -11.95 6.71
CA GLU A 144 14.32 -12.05 5.26
C GLU A 144 13.67 -10.81 4.65
N LYS A 145 12.67 -10.26 5.37
CA LYS A 145 11.93 -9.05 4.95
C LYS A 145 11.06 -9.18 3.68
N PRO A 146 10.10 -10.12 3.67
CA PRO A 146 9.26 -10.25 2.47
C PRO A 146 8.17 -9.16 2.48
N THR A 147 7.66 -8.80 1.32
CA THR A 147 6.63 -7.76 1.25
C THR A 147 5.23 -8.36 1.30
N GLY A 148 4.23 -7.50 1.24
CA GLY A 148 2.85 -7.97 1.25
C GLY A 148 2.56 -9.02 0.18
N ALA A 149 3.04 -8.77 -1.03
CA ALA A 149 2.84 -9.71 -2.13
C ALA A 149 3.70 -10.94 -1.85
N GLY A 150 4.84 -10.70 -1.20
CA GLY A 150 5.73 -11.79 -0.86
C GLY A 150 4.99 -12.76 0.05
N VAL A 151 4.50 -12.24 1.18
CA VAL A 151 3.76 -13.06 2.12
C VAL A 151 2.59 -13.81 1.48
N ALA A 152 1.85 -13.16 0.58
CA ALA A 152 0.71 -13.81 -0.07
C ALA A 152 1.17 -14.98 -0.92
N PHE A 153 2.31 -14.79 -1.58
CA PHE A 153 2.91 -15.80 -2.42
C PHE A 153 3.27 -17.02 -1.56
N LEU A 154 3.93 -16.74 -0.43
CA LEU A 154 4.32 -17.78 0.50
C LEU A 154 3.08 -18.51 0.98
N LEU A 155 2.03 -17.72 1.25
CA LEU A 155 0.77 -18.27 1.71
C LEU A 155 0.20 -19.19 0.63
N LEU A 156 0.24 -18.77 -0.62
CA LEU A 156 -0.28 -19.63 -1.68
C LEU A 156 0.60 -20.86 -1.82
N TRP A 157 1.89 -20.70 -1.54
CA TRP A 157 2.83 -21.80 -1.64
C TRP A 157 2.40 -22.86 -0.60
N ALA A 158 2.35 -22.45 0.65
CA ALA A 158 1.97 -23.31 1.74
C ALA A 158 0.69 -24.07 1.42
N LEU A 159 -0.35 -23.38 0.97
CA LEU A 159 -1.59 -24.05 0.63
C LEU A 159 -1.30 -25.10 -0.44
N HIS A 160 -0.32 -24.84 -1.27
CA HIS A 160 0.02 -25.80 -2.30
C HIS A 160 0.72 -27.01 -1.69
N GLU A 161 1.54 -26.78 -0.66
CA GLU A 161 2.24 -27.88 0.03
C GLU A 161 1.20 -28.92 0.39
N ARG A 162 0.37 -28.63 1.39
CA ARG A 162 -0.66 -29.61 1.68
C ARG A 162 -1.48 -29.55 0.39
N LEU A 163 -2.36 -30.50 0.16
CA LEU A 163 -3.12 -30.55 -1.11
C LEU A 163 -2.17 -31.14 -2.13
N GLY A 164 -0.86 -31.05 -1.84
CA GLY A 164 0.17 -31.60 -2.70
C GLY A 164 0.20 -31.16 -4.15
N LEU A 165 0.62 -29.93 -4.39
CA LEU A 165 0.71 -29.40 -5.73
C LEU A 165 2.07 -28.74 -5.85
N PRO A 166 2.57 -28.57 -7.08
CA PRO A 166 3.88 -27.96 -7.31
C PRO A 166 3.96 -26.53 -6.75
N PRO A 167 5.18 -26.06 -6.44
CA PRO A 167 5.29 -24.69 -5.91
C PRO A 167 4.66 -23.75 -6.94
N PRO A 168 3.97 -22.68 -6.49
CA PRO A 168 3.32 -21.72 -7.40
C PRO A 168 4.27 -20.74 -8.10
N LEU A 169 5.29 -21.25 -8.79
CA LEU A 169 6.25 -20.38 -9.47
C LEU A 169 5.58 -19.45 -10.49
N GLU A 170 4.52 -19.99 -11.09
CA GLU A 170 3.72 -19.29 -12.08
C GLU A 170 3.28 -17.90 -11.57
N TYR A 171 3.34 -17.71 -10.25
CA TYR A 171 2.93 -16.47 -9.61
C TYR A 171 4.08 -15.59 -9.12
N ALA A 172 5.31 -15.96 -9.41
CA ALA A 172 6.45 -15.17 -8.93
C ALA A 172 6.52 -13.77 -9.54
N ASP A 173 6.10 -13.63 -10.80
CA ASP A 173 6.17 -12.33 -11.43
C ASP A 173 5.41 -11.30 -10.60
N LEU A 174 4.11 -11.52 -10.41
CA LEU A 174 3.30 -10.62 -9.61
C LEU A 174 4.04 -10.31 -8.32
N ALA A 175 4.35 -11.37 -7.57
CA ALA A 175 5.06 -11.22 -6.31
C ALA A 175 6.31 -10.37 -6.47
N ALA A 176 6.97 -10.49 -7.61
CA ALA A 176 8.18 -9.72 -7.91
C ALA A 176 7.85 -8.23 -8.07
N VAL A 177 6.77 -7.95 -8.80
CA VAL A 177 6.34 -6.59 -9.02
C VAL A 177 6.03 -5.90 -7.70
N GLY A 178 5.29 -6.59 -6.84
CA GLY A 178 4.94 -6.01 -5.55
C GLY A 178 6.16 -5.74 -4.68
N THR A 179 7.12 -6.66 -4.72
CA THR A 179 8.35 -6.52 -3.94
C THR A 179 9.15 -5.30 -4.35
N ILE A 180 9.46 -5.20 -5.64
CA ILE A 180 10.23 -4.07 -6.15
C ILE A 180 9.42 -2.81 -5.88
N ALA A 181 8.12 -2.90 -6.08
CA ALA A 181 7.23 -1.78 -5.85
C ALA A 181 7.45 -1.22 -4.45
N ASP A 182 7.51 -2.10 -3.46
CA ASP A 182 7.72 -1.68 -2.08
C ASP A 182 9.18 -1.48 -1.74
N VAL A 183 10.04 -1.46 -2.77
CA VAL A 183 11.49 -1.31 -2.59
C VAL A 183 12.04 -2.06 -1.37
N ALA A 184 11.77 -3.36 -1.33
CA ALA A 184 12.26 -4.19 -0.24
C ALA A 184 13.79 -4.22 -0.37
N PRO A 185 14.49 -4.71 0.67
CA PRO A 185 15.96 -4.77 0.59
C PRO A 185 16.44 -5.38 -0.72
N LEU A 186 15.79 -6.46 -1.13
CA LEU A 186 16.13 -7.16 -2.36
C LEU A 186 17.53 -7.76 -2.22
N TRP A 187 17.80 -8.29 -1.02
CA TRP A 187 19.09 -8.90 -0.71
C TRP A 187 18.90 -10.32 -0.15
N GLY A 188 17.73 -10.58 0.42
CA GLY A 188 17.47 -11.89 0.99
C GLY A 188 16.75 -12.82 0.02
N TRP A 189 15.72 -13.50 0.52
CA TRP A 189 14.94 -14.41 -0.31
C TRP A 189 14.28 -13.53 -1.37
N ASN A 190 14.18 -12.23 -1.08
CA ASN A 190 13.58 -11.30 -2.01
C ASN A 190 14.27 -11.44 -3.35
N ARG A 191 15.60 -11.51 -3.33
CA ARG A 191 16.40 -11.66 -4.55
C ARG A 191 15.98 -12.84 -5.41
N ALA A 192 15.79 -13.99 -4.79
CA ALA A 192 15.39 -15.19 -5.51
C ALA A 192 14.01 -15.02 -6.13
N LEU A 193 13.11 -14.42 -5.36
CA LEU A 193 11.74 -14.20 -5.80
C LEU A 193 11.75 -13.23 -6.99
N VAL A 194 12.43 -12.09 -6.83
CA VAL A 194 12.52 -11.08 -7.88
C VAL A 194 13.13 -11.67 -9.15
N LYS A 195 14.35 -12.20 -9.02
CA LYS A 195 15.05 -12.81 -10.15
C LYS A 195 14.14 -13.81 -10.88
N GLU A 196 13.52 -14.70 -10.12
CA GLU A 196 12.62 -15.69 -10.70
C GLU A 196 11.43 -14.99 -11.35
N GLY A 197 10.89 -13.99 -10.65
CA GLY A 197 9.74 -13.26 -11.15
C GLY A 197 9.98 -12.53 -12.45
N LEU A 198 11.01 -11.67 -12.44
CA LEU A 198 11.37 -10.90 -13.62
C LEU A 198 11.41 -11.78 -14.85
N ALA A 199 12.07 -12.92 -14.72
CA ALA A 199 12.21 -13.88 -15.81
C ALA A 199 10.88 -14.39 -16.39
N ARG A 200 9.87 -14.56 -15.54
CA ARG A 200 8.58 -15.08 -16.00
C ARG A 200 7.64 -14.05 -16.59
N ILE A 201 7.93 -12.76 -16.40
CA ILE A 201 7.08 -11.69 -16.93
C ILE A 201 6.86 -11.83 -18.43
N PRO A 202 7.95 -11.78 -19.23
CA PRO A 202 7.80 -11.91 -20.69
C PRO A 202 6.96 -13.15 -20.90
N ALA A 203 5.75 -12.97 -21.42
CA ALA A 203 4.86 -14.11 -21.63
C ALA A 203 4.55 -14.84 -20.30
N SER A 204 4.07 -14.10 -19.30
CA SER A 204 3.71 -14.69 -18.02
C SER A 204 2.35 -15.35 -18.24
N SER A 205 1.68 -15.71 -17.15
CA SER A 205 0.37 -16.35 -17.26
C SER A 205 -0.74 -15.32 -17.19
N TRP A 206 -0.38 -14.08 -16.91
CA TRP A 206 -1.35 -12.99 -16.79
C TRP A 206 -1.19 -11.92 -17.88
N VAL A 207 -2.05 -11.98 -18.89
CA VAL A 207 -2.00 -11.04 -20.01
C VAL A 207 -1.81 -9.60 -19.55
N GLY A 208 -2.63 -9.18 -18.59
CA GLY A 208 -2.53 -7.84 -18.06
C GLY A 208 -1.08 -7.48 -17.79
N LEU A 209 -0.37 -8.35 -17.09
CA LEU A 209 1.03 -8.09 -16.76
C LEU A 209 1.98 -8.22 -17.95
N ARG A 210 1.67 -9.12 -18.88
CA ARG A 210 2.52 -9.28 -20.06
C ARG A 210 2.36 -8.05 -20.93
N LEU A 211 1.12 -7.78 -21.36
CA LEU A 211 0.83 -6.62 -22.18
C LEU A 211 1.41 -5.33 -21.61
N LEU A 212 1.21 -5.11 -20.30
CA LEU A 212 1.74 -3.92 -19.64
C LEU A 212 3.26 -3.89 -19.77
N ALA A 213 3.90 -5.00 -19.39
CA ALA A 213 5.35 -5.11 -19.47
C ALA A 213 5.81 -4.76 -20.88
N GLU A 214 5.05 -5.22 -21.87
CA GLU A 214 5.33 -4.95 -23.27
C GLU A 214 5.20 -3.45 -23.54
N ALA A 215 4.05 -2.89 -23.22
CA ALA A 215 3.79 -1.48 -23.42
C ALA A 215 4.93 -0.57 -22.94
N VAL A 216 5.51 -0.88 -21.79
CA VAL A 216 6.60 -0.05 -21.27
C VAL A 216 7.97 -0.52 -21.76
N GLY A 217 7.96 -1.44 -22.71
CA GLY A 217 9.20 -1.97 -23.28
C GLY A 217 10.08 -2.72 -22.31
N TYR A 218 9.47 -3.56 -21.48
CA TYR A 218 10.19 -4.35 -20.51
C TYR A 218 11.22 -5.24 -21.19
N THR A 219 12.46 -5.17 -20.71
CA THR A 219 13.55 -5.96 -21.27
C THR A 219 13.82 -7.16 -20.34
N GLY A 220 13.74 -6.90 -19.04
CA GLY A 220 13.98 -7.93 -18.05
C GLY A 220 14.56 -7.27 -16.83
N LYS A 221 14.95 -6.00 -17.00
CA LYS A 221 15.53 -5.23 -15.92
C LYS A 221 14.55 -5.01 -14.78
N ALA A 222 15.07 -4.86 -13.58
CA ALA A 222 14.23 -4.65 -12.41
C ALA A 222 13.87 -3.18 -12.30
N VAL A 223 14.78 -2.33 -12.76
CA VAL A 223 14.55 -0.90 -12.72
C VAL A 223 13.33 -0.57 -13.59
N GLU A 224 13.07 -1.43 -14.57
CA GLU A 224 11.94 -1.23 -15.46
C GLU A 224 10.63 -1.55 -14.75
N VAL A 225 10.68 -2.41 -13.75
CA VAL A 225 9.47 -2.72 -13.02
C VAL A 225 9.26 -1.56 -12.06
N ALA A 226 10.34 -1.16 -11.40
CA ALA A 226 10.28 -0.08 -10.42
C ALA A 226 9.95 1.30 -10.98
N PHE A 227 10.43 1.61 -12.19
CA PHE A 227 10.21 2.92 -12.76
C PHE A 227 9.21 3.09 -13.90
N ARG A 228 8.73 2.00 -14.47
CA ARG A 228 7.76 2.12 -15.56
C ARG A 228 6.49 1.32 -15.27
N ILE A 229 6.64 0.14 -14.69
CA ILE A 229 5.50 -0.72 -14.41
C ILE A 229 4.77 -0.42 -13.10
N ALA A 230 5.53 -0.31 -12.02
CA ALA A 230 4.94 -0.04 -10.72
C ALA A 230 4.25 1.34 -10.68
N PRO A 231 4.88 2.38 -11.25
CA PRO A 231 4.24 3.71 -11.24
C PRO A 231 2.86 3.63 -11.90
N ARG A 232 2.80 2.93 -13.02
CA ARG A 232 1.56 2.79 -13.75
C ARG A 232 0.46 2.14 -12.90
N ILE A 233 0.84 1.16 -12.09
CA ILE A 233 -0.12 0.47 -11.24
C ILE A 233 -0.55 1.33 -10.05
N ASN A 234 0.39 2.10 -9.49
CA ASN A 234 0.09 2.96 -8.34
C ASN A 234 -0.71 4.18 -8.74
N ALA A 235 -0.47 4.66 -9.96
CA ALA A 235 -1.16 5.82 -10.50
C ALA A 235 -2.68 5.72 -10.40
N ALA A 236 -3.22 4.51 -10.56
CA ALA A 236 -4.66 4.30 -10.52
C ALA A 236 -5.31 4.65 -9.20
N SER A 237 -4.79 4.13 -8.10
CA SER A 237 -5.41 4.43 -6.82
C SER A 237 -5.34 5.92 -6.53
N ARG A 238 -4.22 6.53 -6.89
CA ARG A 238 -4.07 7.95 -6.65
C ARG A 238 -5.12 8.81 -7.36
N LEU A 239 -5.80 8.24 -8.36
CA LEU A 239 -6.83 9.00 -9.05
C LEU A 239 -8.23 8.37 -8.92
N GLY A 240 -8.38 7.53 -7.90
CA GLY A 240 -9.64 6.86 -7.63
C GLY A 240 -10.02 5.84 -8.68
N GLU A 241 -9.04 5.06 -9.10
CA GLU A 241 -9.26 4.08 -10.14
C GLU A 241 -8.53 2.76 -9.88
N ALA A 242 -8.34 2.42 -8.61
CA ALA A 242 -7.63 1.19 -8.25
C ALA A 242 -8.16 -0.03 -9.01
N GLU A 243 -9.45 -0.25 -8.90
CA GLU A 243 -10.12 -1.37 -9.56
C GLU A 243 -9.53 -1.59 -10.95
N LYS A 244 -9.53 -0.54 -11.78
CA LYS A 244 -8.99 -0.65 -13.13
C LYS A 244 -7.65 -1.39 -13.09
N ALA A 245 -6.79 -1.02 -12.15
CA ALA A 245 -5.48 -1.66 -12.03
C ALA A 245 -5.60 -3.14 -11.63
N LEU A 246 -6.41 -3.41 -10.62
CA LEU A 246 -6.61 -4.79 -10.16
C LEU A 246 -7.16 -5.64 -11.30
N ARG A 247 -8.21 -5.15 -11.95
CA ARG A 247 -8.81 -5.90 -13.05
C ARG A 247 -7.77 -6.24 -14.10
N LEU A 248 -6.88 -5.30 -14.40
CA LEU A 248 -5.85 -5.57 -15.37
C LEU A 248 -5.08 -6.82 -14.94
N LEU A 249 -4.80 -6.90 -13.65
CA LEU A 249 -4.05 -8.01 -13.08
C LEU A 249 -4.84 -9.32 -12.94
N LEU A 250 -6.14 -9.27 -13.12
CA LEU A 250 -6.93 -10.48 -13.01
C LEU A 250 -7.37 -10.96 -14.40
N THR A 251 -8.17 -10.12 -15.06
CA THR A 251 -8.74 -10.32 -16.39
C THR A 251 -8.43 -11.50 -17.33
N ASP A 252 -7.15 -11.72 -17.62
CA ASP A 252 -6.72 -12.75 -18.58
C ASP A 252 -7.54 -12.83 -19.91
N ASP A 253 -8.01 -11.67 -20.37
CA ASP A 253 -8.74 -11.51 -21.63
C ASP A 253 -7.95 -10.47 -22.42
N ALA A 254 -7.04 -10.90 -23.29
CA ALA A 254 -6.20 -10.01 -24.09
C ALA A 254 -6.90 -8.71 -24.50
N ALA A 255 -8.16 -8.83 -24.92
CA ALA A 255 -8.96 -7.68 -25.33
C ALA A 255 -9.02 -6.66 -24.20
N GLU A 256 -9.87 -6.95 -23.21
CA GLU A 256 -10.04 -6.09 -22.05
C GLU A 256 -8.68 -5.66 -21.49
N ALA A 257 -7.69 -6.55 -21.58
CA ALA A 257 -6.36 -6.25 -21.07
C ALA A 257 -5.80 -4.99 -21.68
N GLN A 258 -5.51 -5.02 -22.97
CA GLN A 258 -4.92 -3.85 -23.62
C GLN A 258 -5.74 -2.59 -23.37
N ALA A 259 -7.06 -2.71 -23.37
CA ALA A 259 -7.88 -1.53 -23.11
C ALA A 259 -7.41 -0.94 -21.77
N LEU A 260 -7.32 -1.79 -20.76
CA LEU A 260 -6.88 -1.39 -19.42
C LEU A 260 -5.46 -0.85 -19.40
N VAL A 261 -4.57 -1.48 -20.16
CA VAL A 261 -3.19 -1.02 -20.23
C VAL A 261 -3.18 0.44 -20.69
N GLY A 262 -4.10 0.76 -21.60
CA GLY A 262 -4.19 2.11 -22.12
C GLY A 262 -4.81 3.03 -21.08
N GLU A 263 -5.73 2.50 -20.30
CA GLU A 263 -6.38 3.30 -19.28
C GLU A 263 -5.34 3.65 -18.18
N LEU A 264 -4.37 2.75 -17.99
CA LEU A 264 -3.34 2.98 -17.00
C LEU A 264 -2.34 3.99 -17.55
N HIS A 265 -2.20 4.03 -18.86
CA HIS A 265 -1.29 4.97 -19.49
C HIS A 265 -1.79 6.39 -19.21
N ARG A 266 -3.09 6.57 -19.32
CA ARG A 266 -3.74 7.85 -19.07
C ARG A 266 -3.54 8.26 -17.62
N LEU A 267 -3.96 7.38 -16.73
CA LEU A 267 -3.87 7.62 -15.31
C LEU A 267 -2.47 8.02 -14.89
N ASN A 268 -1.50 7.25 -15.36
CA ASN A 268 -0.12 7.51 -15.02
C ASN A 268 0.31 8.89 -15.49
N ALA A 269 0.02 9.20 -16.74
CA ALA A 269 0.37 10.50 -17.31
C ALA A 269 -0.32 11.61 -16.55
N ARG A 270 -1.61 11.43 -16.28
CA ARG A 270 -2.34 12.44 -15.56
C ARG A 270 -1.77 12.69 -14.16
N ARG A 271 -1.35 11.62 -13.48
CA ARG A 271 -0.77 11.74 -12.14
C ARG A 271 0.51 12.56 -12.24
N GLN A 272 1.34 12.19 -13.20
CA GLN A 272 2.59 12.89 -13.38
C GLN A 272 2.37 14.37 -13.67
N THR A 273 1.46 14.68 -14.58
CA THR A 273 1.19 16.07 -14.89
C THR A 273 0.72 16.84 -13.65
N LEU A 274 -0.12 16.21 -12.85
CA LEU A 274 -0.64 16.85 -11.64
C LEU A 274 0.45 17.10 -10.60
N GLU A 275 1.41 16.18 -10.46
CA GLU A 275 2.50 16.38 -9.50
C GLU A 275 3.37 17.55 -9.96
N GLU A 276 3.84 17.50 -11.21
CA GLU A 276 4.67 18.56 -11.76
C GLU A 276 3.99 19.91 -11.62
N ALA A 277 2.72 19.94 -11.99
CA ALA A 277 1.95 21.16 -11.89
C ALA A 277 1.90 21.67 -10.46
N MET A 278 1.56 20.80 -9.52
CA MET A 278 1.49 21.23 -8.13
C MET A 278 2.86 21.65 -7.60
N LEU A 279 3.87 20.87 -7.96
CA LEU A 279 5.22 21.15 -7.50
C LEU A 279 5.72 22.50 -7.96
N ARG A 280 5.58 22.83 -9.23
CA ARG A 280 6.12 24.11 -9.66
C ARG A 280 5.27 25.27 -9.21
N LYS A 281 4.16 24.99 -8.56
CA LYS A 281 3.32 26.06 -8.06
C LYS A 281 3.65 26.30 -6.60
N LEU A 282 3.89 25.19 -5.89
CA LEU A 282 4.20 25.22 -4.48
C LEU A 282 5.68 25.35 -4.08
N LEU A 283 6.57 24.64 -4.75
CA LEU A 283 7.97 24.71 -4.36
C LEU A 283 8.49 26.14 -4.19
N PRO A 284 8.26 27.05 -5.16
CA PRO A 284 8.75 28.42 -5.01
C PRO A 284 8.25 29.14 -3.76
N GLN A 285 7.12 28.69 -3.23
CA GLN A 285 6.55 29.29 -2.04
C GLN A 285 7.12 28.71 -0.78
N ALA A 286 7.94 27.67 -0.92
CA ALA A 286 8.52 27.02 0.26
C ALA A 286 9.31 27.98 1.12
N ASP A 287 10.61 28.07 0.91
CA ASP A 287 11.43 28.97 1.72
C ASP A 287 11.86 28.30 3.05
N PRO A 288 13.10 27.78 3.09
CA PRO A 288 13.69 27.09 4.23
C PRO A 288 13.84 27.96 5.46
N GLU A 289 13.61 29.26 5.30
CA GLU A 289 13.72 30.16 6.44
C GLU A 289 12.59 29.96 7.42
N ALA A 290 11.52 29.29 6.99
CA ALA A 290 10.39 29.04 7.85
C ALA A 290 10.63 27.78 8.68
N LYS A 291 10.18 27.80 9.93
CA LYS A 291 10.35 26.67 10.81
C LYS A 291 9.52 25.50 10.30
N ALA A 292 8.49 25.84 9.53
CA ALA A 292 7.61 24.83 8.94
C ALA A 292 6.97 25.39 7.69
N ILE A 293 6.90 24.57 6.63
CA ILE A 293 6.28 24.99 5.37
C ILE A 293 4.78 24.71 5.45
N VAL A 294 3.97 25.76 5.36
CA VAL A 294 2.53 25.59 5.41
C VAL A 294 1.93 26.25 4.19
N LEU A 295 1.56 25.44 3.19
CA LEU A 295 1.01 25.96 1.95
C LEU A 295 -0.40 25.48 1.65
N LEU A 296 -1.12 26.25 0.85
CA LEU A 296 -2.49 25.95 0.49
C LEU A 296 -2.74 26.05 -1.00
N ASP A 297 -3.03 24.92 -1.62
CA ASP A 297 -3.33 24.88 -3.05
C ASP A 297 -4.81 24.55 -3.08
N PRO A 298 -5.67 25.58 -3.04
CA PRO A 298 -7.14 25.46 -3.04
C PRO A 298 -7.65 24.42 -4.01
N GLU A 299 -7.05 24.42 -5.19
CA GLU A 299 -7.43 23.48 -6.22
C GLU A 299 -6.25 22.60 -6.58
N GLY A 300 -6.00 21.61 -5.72
CA GLY A 300 -4.91 20.68 -5.94
C GLY A 300 -5.52 19.32 -5.74
N HIS A 301 -5.06 18.32 -6.47
CA HIS A 301 -5.61 16.99 -6.31
C HIS A 301 -4.97 16.34 -5.10
N PRO A 302 -5.77 16.02 -4.06
CA PRO A 302 -5.27 15.40 -2.84
C PRO A 302 -4.56 14.07 -3.08
N GLY A 303 -4.92 13.39 -4.17
CA GLY A 303 -4.29 12.12 -4.48
C GLY A 303 -2.86 12.25 -4.95
N VAL A 304 -2.33 13.47 -4.89
CA VAL A 304 -0.98 13.71 -5.34
C VAL A 304 -0.16 14.56 -4.35
N MET A 305 -0.83 15.26 -3.43
CA MET A 305 -0.15 16.09 -2.44
C MET A 305 0.96 15.40 -1.64
N GLY A 306 0.68 14.18 -1.19
CA GLY A 306 1.66 13.45 -0.42
C GLY A 306 3.02 13.43 -1.09
N ILE A 307 3.04 13.08 -2.37
CA ILE A 307 4.28 13.04 -3.14
C ILE A 307 4.92 14.42 -3.13
N VAL A 308 4.13 15.44 -3.48
CA VAL A 308 4.64 16.79 -3.50
C VAL A 308 5.17 17.20 -2.12
N ALA A 309 4.49 16.82 -1.05
CA ALA A 309 4.95 17.18 0.29
C ALA A 309 6.33 16.59 0.59
N SER A 310 6.52 15.33 0.23
CA SER A 310 7.81 14.70 0.45
C SER A 310 8.93 15.40 -0.30
N ARG A 311 8.69 15.71 -1.57
CA ARG A 311 9.70 16.40 -2.36
C ARG A 311 9.97 17.79 -1.76
N ILE A 312 8.94 18.50 -1.34
CA ILE A 312 9.18 19.82 -0.76
C ILE A 312 10.01 19.66 0.50
N LEU A 313 9.79 18.59 1.24
CA LEU A 313 10.54 18.35 2.47
C LEU A 313 11.99 18.09 2.10
N GLU A 314 12.21 17.11 1.23
CA GLU A 314 13.55 16.76 0.78
C GLU A 314 14.31 18.02 0.38
N ALA A 315 13.61 19.00 -0.17
CA ALA A 315 14.24 20.23 -0.62
C ALA A 315 14.47 21.28 0.45
N THR A 316 13.59 21.34 1.43
CA THR A 316 13.73 22.37 2.45
C THR A 316 14.19 21.88 3.80
N LEU A 317 14.20 20.57 4.00
CA LEU A 317 14.59 19.99 5.28
C LEU A 317 13.80 20.66 6.41
N ARG A 318 12.48 20.78 6.22
CA ARG A 318 11.57 21.38 7.18
C ARG A 318 10.25 20.60 7.15
N PRO A 319 9.41 20.75 8.20
CA PRO A 319 8.14 20.04 8.21
C PRO A 319 7.27 20.71 7.13
N VAL A 320 6.55 19.90 6.36
CA VAL A 320 5.67 20.44 5.31
C VAL A 320 4.22 20.10 5.56
N PHE A 321 3.38 21.12 5.50
CA PHE A 321 1.95 20.95 5.69
C PHE A 321 1.21 21.49 4.46
N LEU A 322 0.69 20.60 3.63
CA LEU A 322 -0.04 21.01 2.44
C LEU A 322 -1.55 20.82 2.59
N VAL A 323 -2.32 21.80 2.12
CA VAL A 323 -3.77 21.70 2.17
C VAL A 323 -4.38 22.06 0.82
N ALA A 324 -5.17 21.14 0.28
CA ALA A 324 -5.84 21.31 -1.01
C ALA A 324 -7.26 20.75 -0.87
N GLN A 325 -8.25 21.48 -1.36
CA GLN A 325 -9.64 21.06 -1.20
C GLN A 325 -9.75 21.18 0.31
N GLY A 326 -10.39 20.24 0.97
CA GLY A 326 -10.43 20.40 2.42
C GLY A 326 -9.48 19.46 3.12
N LYS A 327 -8.68 18.76 2.32
CA LYS A 327 -7.75 17.80 2.86
C LYS A 327 -6.34 18.35 3.07
N GLY A 328 -5.58 17.67 3.93
CA GLY A 328 -4.21 18.06 4.22
C GLY A 328 -3.30 16.89 4.53
N THR A 329 -2.03 16.99 4.13
CA THR A 329 -1.04 15.95 4.42
C THR A 329 0.09 16.64 5.12
N VAL A 330 0.96 15.87 5.76
CA VAL A 330 2.11 16.42 6.46
C VAL A 330 3.28 15.47 6.33
N ARG A 331 4.48 16.05 6.24
CA ARG A 331 5.73 15.31 6.15
C ARG A 331 6.70 16.13 6.97
N SER A 332 7.27 15.54 8.03
CA SER A 332 8.24 16.27 8.82
C SER A 332 9.38 15.33 9.17
N LEU A 333 10.26 15.78 10.06
CA LEU A 333 11.42 14.99 10.42
C LEU A 333 12.06 15.47 11.72
N ALA A 334 13.26 14.99 11.94
CA ALA A 334 14.07 15.36 13.10
C ALA A 334 13.22 15.58 14.36
N PRO A 335 13.31 16.77 15.03
CA PRO A 335 12.46 16.88 16.23
C PRO A 335 10.93 16.81 16.01
N ILE A 336 10.39 17.78 15.28
CA ILE A 336 8.97 17.90 14.96
C ILE A 336 8.24 16.61 14.60
N SER A 337 7.08 16.38 15.21
CA SER A 337 6.26 15.22 14.90
C SER A 337 5.02 15.69 14.16
N ALA A 338 4.74 15.07 13.03
CA ALA A 338 3.59 15.43 12.22
C ALA A 338 2.30 15.47 13.03
N VAL A 339 1.96 14.38 13.70
CA VAL A 339 0.74 14.33 14.48
C VAL A 339 0.72 15.36 15.61
N GLU A 340 1.77 15.38 16.42
CA GLU A 340 1.85 16.31 17.52
C GLU A 340 1.71 17.76 17.09
N ALA A 341 2.16 18.04 15.87
CA ALA A 341 2.04 19.40 15.35
C ALA A 341 0.56 19.61 15.17
N LEU A 342 -0.09 18.59 14.58
CA LEU A 342 -1.52 18.63 14.36
C LEU A 342 -2.27 18.60 15.68
N ARG A 343 -1.62 18.13 16.74
CA ARG A 343 -2.22 18.08 18.07
C ARG A 343 -2.64 19.50 18.38
N SER A 344 -1.68 20.43 18.37
CA SER A 344 -2.04 21.83 18.60
C SER A 344 -2.80 22.16 17.34
N ALA A 345 -3.48 23.29 17.31
CA ALA A 345 -4.24 23.64 16.11
C ALA A 345 -5.39 22.64 15.93
N GLU A 346 -5.37 21.57 16.73
CA GLU A 346 -6.40 20.54 16.71
C GLU A 346 -7.76 21.20 16.59
N ASP A 347 -8.02 22.15 17.48
CA ASP A 347 -9.29 22.89 17.46
C ASP A 347 -9.63 23.43 16.08
N LEU A 348 -8.60 23.76 15.31
CA LEU A 348 -8.77 24.30 13.97
C LEU A 348 -9.14 23.22 12.95
N LEU A 349 -8.95 21.96 13.33
CA LEU A 349 -9.23 20.86 12.42
C LEU A 349 -10.62 20.22 12.57
N LEU A 350 -10.91 19.30 11.65
CA LEU A 350 -12.15 18.56 11.62
C LEU A 350 -11.76 17.15 12.04
N ARG A 351 -10.64 16.67 11.50
CA ARG A 351 -10.12 15.34 11.80
C ARG A 351 -8.60 15.46 11.69
N TYR A 352 -7.89 14.40 12.04
CA TYR A 352 -6.44 14.38 11.96
C TYR A 352 -5.87 13.13 12.59
N GLY A 353 -4.81 12.59 12.02
CA GLY A 353 -4.18 11.40 12.54
C GLY A 353 -2.87 11.13 11.83
N GLY A 354 -2.08 10.18 12.33
CA GLY A 354 -0.82 9.85 11.70
C GLY A 354 0.29 9.49 12.67
N HIS A 355 1.53 9.81 12.29
CA HIS A 355 2.70 9.52 13.11
C HIS A 355 3.70 10.66 13.17
N LYS A 356 4.93 10.33 13.52
CA LYS A 356 6.00 11.32 13.66
C LYS A 356 6.39 11.94 12.33
N GLU A 357 6.67 11.07 11.36
CA GLU A 357 7.11 11.47 10.03
C GLU A 357 6.02 11.84 9.02
N ALA A 358 4.86 11.21 9.11
CA ALA A 358 3.77 11.52 8.18
C ALA A 358 2.44 11.56 8.92
N ALA A 359 1.52 12.39 8.43
CA ALA A 359 0.21 12.54 9.06
C ALA A 359 -0.79 13.17 8.07
N GLY A 360 -2.08 12.99 8.36
CA GLY A 360 -3.11 13.56 7.50
C GLY A 360 -4.18 14.26 8.30
N PHE A 361 -5.06 15.01 7.65
CA PHE A 361 -6.12 15.70 8.36
C PHE A 361 -7.12 16.35 7.42
N ALA A 362 -8.08 17.08 8.00
CA ALA A 362 -9.08 17.78 7.22
C ALA A 362 -9.47 19.04 7.98
N MET A 363 -9.91 20.06 7.27
CA MET A 363 -10.27 21.31 7.92
C MET A 363 -10.95 22.25 6.95
N ASP A 364 -11.57 23.28 7.50
CA ASP A 364 -12.24 24.30 6.69
C ASP A 364 -11.16 25.30 6.32
N GLU A 365 -10.86 25.39 5.02
CA GLU A 365 -9.83 26.28 4.52
C GLU A 365 -9.91 27.70 5.08
N ALA A 366 -11.09 28.12 5.49
CA ALA A 366 -11.28 29.47 6.04
C ALA A 366 -10.38 29.71 7.25
N LEU A 367 -10.01 28.64 7.94
CA LEU A 367 -9.15 28.75 9.12
C LEU A 367 -7.68 28.53 8.80
N PHE A 368 -7.35 28.43 7.50
CA PHE A 368 -5.97 28.18 7.10
C PHE A 368 -4.94 29.14 7.71
N PRO A 369 -5.16 30.46 7.59
CA PRO A 369 -4.21 31.40 8.16
C PRO A 369 -3.95 31.08 9.62
N ALA A 370 -5.02 30.94 10.40
CA ALA A 370 -4.88 30.61 11.81
C ALA A 370 -4.10 29.30 11.98
N PHE A 371 -4.40 28.30 11.14
CA PHE A 371 -3.71 27.01 11.22
C PHE A 371 -2.22 27.13 10.92
N LYS A 372 -1.89 28.00 9.96
CA LYS A 372 -0.51 28.18 9.56
C LYS A 372 0.30 28.78 10.71
N ALA A 373 -0.24 29.81 11.32
CA ALA A 373 0.43 30.47 12.43
C ALA A 373 0.59 29.52 13.61
N ARG A 374 -0.41 28.68 13.84
CA ARG A 374 -0.34 27.76 14.95
C ARG A 374 0.78 26.75 14.75
N VAL A 375 0.80 26.12 13.59
CA VAL A 375 1.81 25.10 13.27
C VAL A 375 3.21 25.70 13.23
N GLU A 376 3.32 26.92 12.72
CA GLU A 376 4.60 27.62 12.64
C GLU A 376 5.13 27.74 14.04
N ALA A 377 4.34 28.40 14.88
CA ALA A 377 4.67 28.59 16.28
C ALA A 377 5.09 27.28 16.93
N TYR A 378 4.40 26.20 16.59
CA TYR A 378 4.72 24.90 17.15
C TYR A 378 6.13 24.47 16.85
N ALA A 379 6.54 24.60 15.59
CA ALA A 379 7.89 24.22 15.18
C ALA A 379 8.89 25.27 15.62
N ALA A 380 8.39 26.44 16.02
CA ALA A 380 9.25 27.53 16.50
C ALA A 380 10.01 26.95 17.68
N ARG A 381 9.32 26.15 18.50
CA ARG A 381 9.95 25.49 19.64
C ARG A 381 10.76 24.44 18.90
N PHE A 382 11.59 23.67 19.60
CA PHE A 382 12.40 22.64 18.94
C PHE A 382 13.59 23.18 18.15
N PRO A 383 14.67 22.39 18.06
CA PRO A 383 15.91 22.70 17.35
C PRO A 383 15.66 22.76 15.84
N ASP A 384 16.73 22.79 15.07
CA ASP A 384 16.62 22.81 13.63
C ASP A 384 16.97 21.39 13.20
N PRO A 385 16.10 20.77 12.39
CA PRO A 385 16.32 19.40 11.90
C PRO A 385 17.70 19.10 11.33
N VAL A 386 18.40 20.13 10.85
CA VAL A 386 19.73 19.92 10.26
C VAL A 386 20.72 19.30 11.26
N ARG A 387 20.45 19.50 12.54
CA ARG A 387 21.28 18.94 13.59
C ARG A 387 20.77 17.54 13.93
N GLU A 388 20.74 16.64 12.95
CA GLU A 388 20.24 15.29 13.20
C GLU A 388 20.39 14.35 12.01
N VAL A 389 19.72 14.70 10.91
CA VAL A 389 19.75 13.91 9.68
C VAL A 389 21.16 13.69 9.14
N ALA A 390 21.36 12.54 8.51
CA ALA A 390 22.67 12.22 7.93
C ALA A 390 22.69 12.73 6.48
N LEU A 391 21.66 13.51 6.17
CA LEU A 391 21.44 14.10 4.84
C LEU A 391 21.29 12.99 3.80
N LEU A 392 21.70 11.77 4.16
CA LEU A 392 21.52 10.66 3.24
C LEU A 392 20.01 10.45 3.28
N ASP A 393 19.36 11.27 4.11
CA ASP A 393 17.92 11.33 4.30
C ASP A 393 17.34 11.53 2.88
N LEU A 394 18.18 12.06 1.99
CA LEU A 394 17.81 12.29 0.58
C LEU A 394 18.06 11.00 -0.21
#